data_5YQQ
#
_entry.id   5YQQ
#
_cell.length_a   33.862
_cell.length_b   52.124
_cell.length_c   53.021
_cell.angle_alpha   107.81
_cell.angle_beta   90.17
_cell.angle_gamma   105.05
#
_symmetry.space_group_name_H-M   'P 1'
#
loop_
_entity.id
_entity.type
_entity.pdbx_description
1 polymer 'Membrane-anchored lipid-binding protein YSP2'
2 water water
#
_entity_poly.entity_id   1
_entity_poly.type   'polypeptide(L)'
_entity_poly.pdbx_seq_one_letter_code
;GSAMGSDTVIDEKINIPVPLGTVFSLLYGDDTSYIKKIIENQNNFNVCDIPKFVNNAREITYTKKLNNSFGPKQTKCIVT
ETIEHMDLNSFFMVKQIVRSPDVPYGSSFSVHTRFFYSWGDHNTTNMKVVTNVVWTGKSMLKGTIEKGSIDGQRSSTKQL
VDDLKKIISN
;
_entity_poly.pdbx_strand_id   A,B
#
# COMPACT_ATOMS: atom_id res chain seq x y z
N MET A 4 2.59 0.32 -16.62
CA MET A 4 1.17 0.24 -16.33
C MET A 4 0.85 -0.71 -15.19
N GLY A 5 -0.04 -0.29 -14.29
CA GLY A 5 -0.41 -1.07 -13.14
C GLY A 5 0.47 -0.89 -11.93
N SER A 6 1.67 -0.36 -12.11
CA SER A 6 2.58 -0.15 -11.00
C SER A 6 2.22 1.13 -10.26
N ASP A 7 2.86 1.34 -9.11
CA ASP A 7 2.64 2.54 -8.32
C ASP A 7 3.39 3.73 -8.91
N THR A 8 2.78 4.91 -8.81
CA THR A 8 3.48 6.17 -9.03
C THR A 8 3.57 6.89 -7.69
N VAL A 9 4.80 7.24 -7.30
CA VAL A 9 5.02 8.16 -6.21
C VAL A 9 4.64 9.54 -6.73
N ILE A 10 3.39 9.95 -6.49
CA ILE A 10 2.95 11.28 -6.93
C ILE A 10 3.88 12.35 -6.36
N ASP A 11 4.31 12.16 -5.12
CA ASP A 11 5.10 13.16 -4.40
C ASP A 11 5.54 12.60 -3.06
N GLU A 12 6.84 12.67 -2.75
CA GLU A 12 7.33 12.22 -1.46
C GLU A 12 8.23 13.26 -0.82
N LYS A 13 8.17 14.50 -1.27
CA LYS A 13 8.93 15.58 -0.69
C LYS A 13 7.99 16.66 -0.15
N ILE A 14 6.87 16.24 0.41
CA ILE A 14 5.89 17.17 0.99
C ILE A 14 6.14 17.28 2.47
N ASN A 15 6.23 18.51 2.95
CA ASN A 15 6.27 18.78 4.37
C ASN A 15 5.24 19.85 4.68
N ILE A 16 4.39 19.57 5.66
CA ILE A 16 3.44 20.53 6.18
C ILE A 16 3.97 20.96 7.55
N PRO A 17 4.19 22.26 7.78
CA PRO A 17 5.00 22.69 8.92
C PRO A 17 4.28 22.69 10.26
N VAL A 18 3.33 21.78 10.47
CA VAL A 18 2.63 21.65 11.74
C VAL A 18 2.62 20.17 12.11
N PRO A 19 2.30 19.85 13.37
CA PRO A 19 2.41 18.45 13.80
C PRO A 19 1.35 17.54 13.20
N LEU A 20 1.66 16.25 13.25
CA LEU A 20 0.78 15.21 12.71
C LEU A 20 -0.65 15.41 13.16
N GLY A 21 -0.86 15.66 14.45
CA GLY A 21 -2.22 15.77 14.96
C GLY A 21 -3.00 16.91 14.35
N THR A 22 -2.30 17.99 13.98
CA THR A 22 -2.97 19.10 13.31
C THR A 22 -3.36 18.74 11.89
N VAL A 23 -2.43 18.15 11.14
CA VAL A 23 -2.77 17.72 9.79
C VAL A 23 -3.91 16.70 9.83
N PHE A 24 -3.86 15.77 10.77
CA PHE A 24 -4.97 14.83 10.90
C PHE A 24 -6.27 15.58 11.16
N SER A 25 -6.27 16.52 12.11
CA SER A 25 -7.51 17.25 12.42
C SER A 25 -8.06 17.95 11.18
N LEU A 26 -7.18 18.59 10.40
CA LEU A 26 -7.64 19.36 9.26
C LEU A 26 -8.24 18.48 8.18
N LEU A 27 -7.53 17.39 7.83
CA LEU A 27 -7.95 16.55 6.72
C LEU A 27 -8.95 15.47 7.12
N TYR A 28 -8.91 14.99 8.38
CA TYR A 28 -9.65 13.79 8.76
C TYR A 28 -10.39 13.93 10.09
N GLY A 29 -10.41 15.11 10.67
CA GLY A 29 -10.94 15.28 12.01
C GLY A 29 -12.45 15.50 12.05
N ASP A 30 -12.93 15.70 13.28
CA ASP A 30 -14.35 15.84 13.51
C ASP A 30 -14.94 17.08 12.84
N ASP A 31 -14.13 18.10 12.58
CA ASP A 31 -14.60 19.30 11.90
C ASP A 31 -14.35 19.12 10.41
N THR A 32 -15.39 18.76 9.67
CA THR A 32 -15.22 18.43 8.26
C THR A 32 -15.32 19.65 7.35
N SER A 33 -15.46 20.85 7.91
CA SER A 33 -15.55 22.04 7.07
C SER A 33 -14.28 22.23 6.25
N TYR A 34 -13.12 21.92 6.85
CA TYR A 34 -11.85 22.12 6.17
C TYR A 34 -11.75 21.23 4.95
N ILE A 35 -12.01 19.93 5.11
CA ILE A 35 -11.86 19.05 3.96
C ILE A 35 -12.98 19.28 2.95
N LYS A 36 -14.16 19.72 3.41
CA LYS A 36 -15.21 20.06 2.46
C LYS A 36 -14.75 21.14 1.50
N LYS A 37 -14.17 22.23 2.01
CA LYS A 37 -13.70 23.30 1.14
C LYS A 37 -12.57 22.81 0.23
N ILE A 38 -11.61 22.06 0.80
CA ILE A 38 -10.50 21.54 0.02
C ILE A 38 -11.01 20.80 -1.21
N ILE A 39 -11.98 19.91 -1.01
CA ILE A 39 -12.59 19.17 -2.10
C ILE A 39 -13.24 20.12 -3.10
N GLU A 40 -13.96 21.14 -2.62
CA GLU A 40 -14.59 22.09 -3.53
C GLU A 40 -13.56 22.89 -4.33
N ASN A 41 -12.38 23.14 -3.76
CA ASN A 41 -11.35 23.89 -4.45
C ASN A 41 -10.69 23.10 -5.59
N GLN A 42 -10.90 21.78 -5.65
CA GLN A 42 -10.34 20.95 -6.69
C GLN A 42 -11.32 20.74 -7.84
N ASN A 43 -12.12 21.77 -8.14
CA ASN A 43 -13.08 21.73 -9.24
C ASN A 43 -14.14 20.66 -9.03
N ASN A 44 -14.50 20.41 -7.77
CA ASN A 44 -15.61 19.55 -7.44
C ASN A 44 -16.75 20.38 -6.88
N PHE A 45 -17.97 19.87 -7.06
CA PHE A 45 -19.12 20.57 -6.51
C PHE A 45 -20.17 19.56 -6.09
N ASN A 46 -21.23 20.09 -5.47
CA ASN A 46 -22.29 19.29 -4.87
C ASN A 46 -21.71 18.18 -3.98
N VAL A 47 -20.74 18.56 -3.16
CA VAL A 47 -20.17 17.62 -2.20
C VAL A 47 -21.25 17.26 -1.18
N CYS A 48 -21.43 15.96 -0.94
CA CYS A 48 -22.44 15.55 0.01
C CYS A 48 -21.91 15.76 1.44
N ASP A 49 -22.80 15.67 2.42
CA ASP A 49 -22.41 15.89 3.80
C ASP A 49 -21.36 14.87 4.21
N ILE A 50 -20.20 15.35 4.66
CA ILE A 50 -19.06 14.49 4.97
C ILE A 50 -19.35 13.67 6.22
N PRO A 51 -19.45 12.35 6.12
CA PRO A 51 -19.64 11.55 7.34
C PRO A 51 -18.42 11.66 8.23
N LYS A 52 -18.67 11.69 9.53
CA LYS A 52 -17.59 11.45 10.48
C LYS A 52 -17.07 10.03 10.29
N PHE A 53 -15.78 9.85 10.54
CA PHE A 53 -15.18 8.52 10.45
C PHE A 53 -15.88 7.53 11.36
N VAL A 54 -16.18 6.35 10.82
CA VAL A 54 -16.78 5.27 11.59
C VAL A 54 -16.09 3.99 11.17
N ASN A 55 -15.54 3.25 12.15
CA ASN A 55 -14.75 2.05 11.88
C ASN A 55 -13.57 2.36 10.97
N ASN A 56 -12.92 3.50 11.22
CA ASN A 56 -11.76 3.96 10.46
C ASN A 56 -12.06 4.17 8.98
N ALA A 57 -13.33 4.39 8.61
CA ALA A 57 -13.68 4.62 7.21
C ALA A 57 -14.76 5.67 7.10
N ARG A 58 -14.80 6.31 5.92
CA ARG A 58 -15.87 7.23 5.57
C ARG A 58 -15.97 7.25 4.05
N GLU A 59 -17.17 7.53 3.56
CA GLU A 59 -17.43 7.61 2.13
C GLU A 59 -17.90 9.01 1.78
N ILE A 60 -17.33 9.58 0.73
CA ILE A 60 -17.58 10.97 0.34
C ILE A 60 -18.02 10.98 -1.12
N THR A 61 -19.16 11.62 -1.39
CA THR A 61 -19.64 11.75 -2.75
C THR A 61 -19.60 13.21 -3.18
N TYR A 62 -19.16 13.44 -4.41
CA TYR A 62 -19.18 14.77 -5.01
C TYR A 62 -19.26 14.63 -6.53
N THR A 63 -19.31 15.78 -7.20
CA THR A 63 -19.35 15.84 -8.66
C THR A 63 -18.07 16.50 -9.14
N LYS A 64 -17.36 15.84 -10.06
CA LYS A 64 -16.19 16.43 -10.68
C LYS A 64 -16.59 17.18 -11.94
N LYS A 65 -15.79 18.19 -12.28
CA LYS A 65 -16.01 18.98 -13.48
C LYS A 65 -15.02 18.58 -14.57
N GLN A 74 -18.36 17.01 -16.33
CA GLN A 74 -19.16 16.63 -15.18
C GLN A 74 -19.35 15.11 -15.01
N THR A 75 -19.04 14.58 -13.82
CA THR A 75 -19.32 13.18 -13.54
C THR A 75 -19.24 12.91 -12.05
N LYS A 76 -19.99 11.91 -11.60
CA LYS A 76 -20.08 11.58 -10.19
C LYS A 76 -18.87 10.78 -9.72
N CYS A 77 -18.36 11.13 -8.54
CA CYS A 77 -17.26 10.43 -7.91
C CYS A 77 -17.70 9.93 -6.54
N ILE A 78 -17.29 8.71 -6.20
CA ILE A 78 -17.51 8.14 -4.89
C ILE A 78 -16.15 7.78 -4.33
N VAL A 79 -15.82 8.31 -3.16
CA VAL A 79 -14.47 8.21 -2.60
C VAL A 79 -14.59 7.58 -1.23
N THR A 80 -13.83 6.51 -1.00
CA THR A 80 -13.72 5.92 0.32
C THR A 80 -12.35 6.27 0.88
N GLU A 81 -12.30 6.64 2.16
CA GLU A 81 -11.05 6.87 2.84
C GLU A 81 -10.98 5.95 4.04
N THR A 82 -9.88 5.20 4.15
CA THR A 82 -9.70 4.24 5.23
C THR A 82 -8.43 4.57 5.99
N ILE A 83 -8.56 4.76 7.29
CA ILE A 83 -7.39 4.90 8.16
C ILE A 83 -6.79 3.51 8.36
N GLU A 84 -5.54 3.34 7.94
CA GLU A 84 -4.85 2.05 8.03
C GLU A 84 -3.90 1.97 9.20
N HIS A 85 -3.42 3.10 9.68
CA HIS A 85 -2.61 3.18 10.89
C HIS A 85 -2.80 4.56 11.48
N MET A 86 -2.79 4.63 12.80
CA MET A 86 -3.16 5.86 13.50
C MET A 86 -2.29 6.03 14.75
N ASP A 87 -1.15 6.70 14.60
CA ASP A 87 -0.26 7.02 15.73
C ASP A 87 0.13 8.49 15.60
N LEU A 88 -0.64 9.39 16.22
CA LEU A 88 -0.38 10.81 16.05
C LEU A 88 0.98 11.24 16.62
N ASN A 89 1.69 10.36 17.29
CA ASN A 89 3.04 10.69 17.72
C ASN A 89 4.11 10.35 16.69
N SER A 90 3.78 9.54 15.68
CA SER A 90 4.82 9.03 14.78
C SER A 90 4.35 8.88 13.34
N PHE A 91 3.15 8.35 13.14
CA PHE A 91 2.77 7.96 11.77
C PHE A 91 1.29 7.66 11.67
N PHE A 92 0.60 8.21 10.66
CA PHE A 92 -0.71 7.70 10.27
C PHE A 92 -0.78 7.61 8.76
N MET A 93 -1.72 6.78 8.29
CA MET A 93 -1.74 6.38 6.88
C MET A 93 -3.19 6.19 6.48
N VAL A 94 -3.57 6.79 5.37
CA VAL A 94 -4.93 6.75 4.86
C VAL A 94 -4.87 6.27 3.43
N LYS A 95 -5.73 5.32 3.08
CA LYS A 95 -5.88 4.89 1.70
C LYS A 95 -7.20 5.41 1.16
N GLN A 96 -7.12 6.09 0.03
CA GLN A 96 -8.26 6.68 -0.66
C GLN A 96 -8.52 5.86 -1.91
N ILE A 97 -9.78 5.55 -2.17
CA ILE A 97 -10.18 4.84 -3.39
C ILE A 97 -11.26 5.68 -4.05
N VAL A 98 -11.01 6.10 -5.29
CA VAL A 98 -11.93 6.96 -6.03
C VAL A 98 -12.55 6.17 -7.16
N ARG A 99 -13.87 6.07 -7.16
CA ARG A 99 -14.63 5.42 -8.22
C ARG A 99 -15.40 6.47 -9.00
N SER A 100 -15.50 6.25 -10.32
CA SER A 100 -16.31 7.08 -11.21
C SER A 100 -17.31 6.15 -11.88
N PRO A 101 -18.49 5.94 -11.29
CA PRO A 101 -19.39 4.88 -11.80
C PRO A 101 -19.88 5.10 -13.22
N ASP A 102 -19.85 6.34 -13.74
CA ASP A 102 -20.52 6.65 -14.99
C ASP A 102 -19.57 6.88 -16.15
N VAL A 103 -18.26 6.83 -15.93
CA VAL A 103 -17.32 7.00 -17.03
C VAL A 103 -17.21 5.66 -17.74
N PRO A 104 -16.69 5.62 -18.97
CA PRO A 104 -16.48 4.31 -19.62
C PRO A 104 -15.61 3.41 -18.77
N TYR A 105 -16.09 2.18 -18.56
CA TYR A 105 -15.41 1.15 -17.76
C TYR A 105 -15.26 1.54 -16.30
N GLY A 106 -16.05 2.54 -15.86
CA GLY A 106 -15.94 3.01 -14.48
C GLY A 106 -16.25 1.94 -13.45
N SER A 107 -17.11 0.98 -13.81
CA SER A 107 -17.37 -0.14 -12.93
C SER A 107 -16.21 -1.12 -12.86
N SER A 108 -15.19 -0.96 -13.71
CA SER A 108 -14.10 -1.92 -13.81
C SER A 108 -12.78 -1.41 -13.29
N PHE A 109 -12.66 -0.12 -12.95
CA PHE A 109 -11.43 0.37 -12.37
C PHE A 109 -11.73 1.36 -11.25
N SER A 110 -10.71 1.59 -10.44
CA SER A 110 -10.75 2.63 -9.41
C SER A 110 -9.33 3.15 -9.25
N VAL A 111 -9.22 4.32 -8.65
CA VAL A 111 -7.93 4.95 -8.44
C VAL A 111 -7.61 4.86 -6.96
N HIS A 112 -6.53 4.18 -6.62
CA HIS A 112 -6.10 3.98 -5.24
C HIS A 112 -4.94 4.91 -4.94
N THR A 113 -5.03 5.63 -3.82
CA THR A 113 -3.99 6.56 -3.42
C THR A 113 -3.77 6.34 -1.93
N ARG A 114 -2.54 6.08 -1.54
CA ARG A 114 -2.18 5.94 -0.14
C ARG A 114 -1.42 7.18 0.30
N PHE A 115 -1.84 7.77 1.42
CA PHE A 115 -1.24 8.98 1.93
C PHE A 115 -0.47 8.59 3.18
N PHE A 116 0.85 8.81 3.15
CA PHE A 116 1.74 8.54 4.26
C PHE A 116 1.94 9.86 4.98
N TYR A 117 1.64 9.89 6.27
CA TYR A 117 1.88 11.06 7.10
C TYR A 117 2.80 10.64 8.23
N SER A 118 4.00 11.22 8.26
CA SER A 118 5.02 10.75 9.18
C SER A 118 5.63 11.95 9.89
N TRP A 119 6.05 11.71 11.12
CA TRP A 119 6.65 12.76 11.92
C TRP A 119 7.85 13.35 11.18
N GLY A 120 7.84 14.66 11.03
CA GLY A 120 8.93 15.34 10.34
C GLY A 120 9.76 16.15 11.31
N ASP A 121 10.98 16.51 10.91
CA ASP A 121 11.88 17.23 11.81
C ASP A 121 11.19 18.46 12.42
N HIS A 122 11.44 18.68 13.70
CA HIS A 122 10.91 19.81 14.45
C HIS A 122 9.39 19.74 14.56
N ASN A 123 8.87 18.52 14.71
CA ASN A 123 7.45 18.30 14.98
C ASN A 123 6.59 18.86 13.83
N THR A 124 6.98 18.49 12.61
CA THR A 124 6.19 18.80 11.44
C THR A 124 5.66 17.49 10.85
N THR A 125 5.09 17.56 9.65
CA THR A 125 4.42 16.43 9.04
C THR A 125 4.99 16.21 7.63
N ASN A 126 5.62 15.06 7.42
CA ASN A 126 6.08 14.71 6.09
C ASN A 126 4.98 13.90 5.41
N MET A 127 4.82 14.12 4.11
CA MET A 127 3.70 13.55 3.39
C MET A 127 4.22 12.87 2.13
N LYS A 128 3.75 11.66 1.90
CA LYS A 128 4.07 10.92 0.69
C LYS A 128 2.77 10.42 0.11
N VAL A 129 2.64 10.52 -1.21
CA VAL A 129 1.40 10.21 -1.92
C VAL A 129 1.74 9.24 -3.04
N VAL A 130 1.11 8.07 -3.02
CA VAL A 130 1.41 6.99 -3.96
C VAL A 130 0.09 6.51 -4.56
N THR A 131 0.03 6.44 -5.89
CA THR A 131 -1.21 6.02 -6.52
C THR A 131 -0.95 4.95 -7.57
N ASN A 132 -1.99 4.14 -7.77
CA ASN A 132 -2.05 3.18 -8.85
C ASN A 132 -3.51 3.05 -9.24
N VAL A 133 -3.73 2.53 -10.44
CA VAL A 133 -5.07 2.24 -10.92
C VAL A 133 -5.29 0.74 -10.79
N VAL A 134 -6.40 0.36 -10.18
CA VAL A 134 -6.72 -1.03 -9.91
C VAL A 134 -7.86 -1.43 -10.83
N TRP A 135 -7.62 -2.43 -11.67
CA TRP A 135 -8.64 -2.97 -12.55
C TRP A 135 -9.22 -4.24 -11.96
N THR A 136 -10.54 -4.35 -11.98
CA THR A 136 -11.26 -5.58 -11.70
C THR A 136 -11.95 -6.05 -12.99
N GLY A 137 -12.78 -7.07 -12.87
CA GLY A 137 -13.39 -7.65 -14.06
C GLY A 137 -12.81 -9.01 -14.37
N LYS A 138 -13.66 -10.04 -14.28
CA LYS A 138 -13.21 -11.41 -14.01
C LYS A 138 -13.06 -12.22 -15.30
N SER A 139 -12.02 -11.90 -16.06
CA SER A 139 -11.57 -12.82 -17.11
C SER A 139 -11.18 -14.17 -16.50
N MET A 140 -11.71 -15.25 -17.09
CA MET A 140 -11.44 -16.59 -16.57
C MET A 140 -9.95 -16.88 -16.52
N LEU A 141 -9.21 -16.46 -17.56
CA LEU A 141 -7.77 -16.69 -17.60
C LEU A 141 -7.06 -15.91 -16.50
N LYS A 142 -7.29 -14.60 -16.41
CA LYS A 142 -6.78 -13.85 -15.25
C LYS A 142 -7.23 -14.48 -13.95
N GLY A 143 -8.52 -14.82 -13.86
CA GLY A 143 -9.05 -15.39 -12.63
C GLY A 143 -8.33 -16.66 -12.21
N THR A 144 -7.96 -17.50 -13.17
CA THR A 144 -7.23 -18.71 -12.81
C THR A 144 -5.83 -18.37 -12.29
N ILE A 145 -5.17 -17.42 -12.93
CA ILE A 145 -3.81 -17.08 -12.53
C ILE A 145 -3.83 -16.42 -11.16
N GLU A 146 -4.85 -15.62 -10.90
CA GLU A 146 -4.93 -14.94 -9.61
C GLU A 146 -5.18 -15.92 -8.48
N LYS A 147 -6.05 -16.91 -8.71
CA LYS A 147 -6.32 -17.89 -7.66
C LYS A 147 -5.05 -18.65 -7.27
N GLY A 148 -4.27 -19.07 -8.27
CA GLY A 148 -3.00 -19.70 -7.96
C GLY A 148 -2.06 -18.78 -7.22
N SER A 149 -2.05 -17.50 -7.61
CA SER A 149 -1.15 -16.55 -6.97
C SER A 149 -1.54 -16.33 -5.52
N ILE A 150 -2.83 -16.15 -5.26
CA ILE A 150 -3.28 -15.88 -3.90
C ILE A 150 -3.21 -17.14 -3.04
N ASP A 151 -3.55 -18.30 -3.60
CA ASP A 151 -3.38 -19.53 -2.82
C ASP A 151 -1.91 -19.74 -2.44
N GLY A 152 -0.99 -19.45 -3.37
CA GLY A 152 0.41 -19.65 -3.05
C GLY A 152 0.92 -18.67 -2.00
N GLN A 153 0.43 -17.43 -2.04
CA GLN A 153 0.81 -16.46 -1.04
C GLN A 153 0.19 -16.77 0.32
N ARG A 154 -1.00 -17.37 0.35
CA ARG A 154 -1.55 -17.82 1.61
C ARG A 154 -0.71 -18.94 2.21
N SER A 155 -0.25 -19.85 1.37
CA SER A 155 0.61 -20.93 1.83
C SER A 155 1.94 -20.39 2.36
N SER A 156 2.61 -19.52 1.59
CA SER A 156 3.90 -18.97 2.01
C SER A 156 3.77 -18.17 3.29
N THR A 157 2.71 -17.37 3.41
CA THR A 157 2.57 -16.52 4.57
C THR A 157 2.34 -17.35 5.84
N LYS A 158 1.51 -18.39 5.74
CA LYS A 158 1.35 -19.30 6.88
C LYS A 158 2.69 -19.92 7.29
N GLN A 159 3.48 -20.37 6.31
CA GLN A 159 4.80 -20.91 6.63
C GLN A 159 5.71 -19.85 7.24
N LEU A 160 5.66 -18.62 6.70
CA LEU A 160 6.49 -17.54 7.23
C LEU A 160 6.18 -17.27 8.69
N VAL A 161 4.90 -17.12 9.02
CA VAL A 161 4.51 -16.84 10.40
C VAL A 161 4.88 -18.00 11.31
N ASP A 162 4.60 -19.23 10.86
CA ASP A 162 4.99 -20.40 11.64
C ASP A 162 6.49 -20.41 11.92
N ASP A 163 7.31 -20.25 10.87
CA ASP A 163 8.75 -20.28 11.06
C ASP A 163 9.22 -19.13 11.93
N LEU A 164 8.68 -17.93 11.69
CA LEU A 164 9.03 -16.77 12.48
C LEU A 164 8.83 -17.05 13.97
N LYS A 165 7.68 -17.60 14.33
CA LYS A 165 7.42 -17.88 15.74
C LYS A 165 8.34 -18.96 16.28
N LYS A 166 8.70 -19.95 15.47
CA LYS A 166 9.66 -20.95 15.93
C LYS A 166 11.04 -20.33 16.17
N ILE A 167 11.45 -19.41 15.29
CA ILE A 167 12.74 -18.74 15.44
C ILE A 167 12.82 -18.01 16.78
N ILE A 168 11.78 -17.25 17.13
CA ILE A 168 11.82 -16.45 18.35
C ILE A 168 11.67 -17.30 19.62
N SER A 169 11.25 -18.56 19.48
CA SER A 169 11.07 -19.48 20.60
C SER A 169 12.21 -20.48 20.61
N ASN A 170 13.02 -20.44 21.67
CA ASN A 170 14.23 -21.26 21.73
C ASN A 170 14.72 -21.46 23.16
N SER B 6 -9.97 -7.66 -5.77
CA SER B 6 -9.11 -6.50 -5.55
C SER B 6 -8.03 -6.82 -4.49
N ASP B 7 -7.97 -6.01 -3.44
CA ASP B 7 -7.03 -6.17 -2.32
C ASP B 7 -7.43 -7.39 -1.50
N THR B 8 -6.82 -8.53 -1.76
CA THR B 8 -7.16 -9.73 -1.01
C THR B 8 -6.35 -9.79 0.28
N VAL B 9 -7.04 -9.78 1.41
CA VAL B 9 -6.37 -9.98 2.69
C VAL B 9 -5.88 -11.42 2.76
N ILE B 10 -4.56 -11.59 2.82
CA ILE B 10 -4.00 -12.94 2.93
C ILE B 10 -4.12 -13.44 4.36
N ASP B 11 -3.73 -12.59 5.31
CA ASP B 11 -3.83 -12.91 6.71
C ASP B 11 -3.86 -11.58 7.47
N GLU B 12 -4.19 -11.70 8.75
CA GLU B 12 -4.75 -10.60 9.48
C GLU B 12 -4.73 -11.01 10.94
N LYS B 13 -4.57 -10.04 11.82
CA LYS B 13 -4.63 -10.28 13.26
C LYS B 13 -3.51 -11.21 13.73
N ILE B 14 -2.45 -11.30 12.95
CA ILE B 14 -1.26 -12.03 13.39
C ILE B 14 -0.57 -11.21 14.46
N ASN B 15 -0.19 -11.87 15.55
CA ASN B 15 0.64 -11.25 16.58
C ASN B 15 1.92 -12.08 16.72
N ILE B 16 3.06 -11.42 16.59
CA ILE B 16 4.35 -12.03 16.90
C ILE B 16 4.81 -11.47 18.25
N PRO B 17 5.04 -12.30 19.27
CA PRO B 17 5.22 -11.76 20.64
C PRO B 17 6.62 -11.22 20.91
N VAL B 18 7.20 -10.50 19.96
CA VAL B 18 8.44 -9.78 20.20
C VAL B 18 8.26 -8.38 19.61
N PRO B 19 9.11 -7.41 19.94
CA PRO B 19 8.91 -6.06 19.42
C PRO B 19 9.14 -5.95 17.92
N LEU B 20 8.60 -4.85 17.38
CA LEU B 20 8.72 -4.50 15.98
C LEU B 20 10.17 -4.62 15.47
N GLY B 21 11.13 -4.15 16.26
CA GLY B 21 12.53 -4.22 15.84
C GLY B 21 13.05 -5.63 15.69
N THR B 22 12.55 -6.57 16.50
CA THR B 22 13.01 -7.95 16.39
C THR B 22 12.49 -8.61 15.13
N VAL B 23 11.20 -8.43 14.84
CA VAL B 23 10.64 -8.91 13.58
C VAL B 23 11.39 -8.29 12.41
N PHE B 24 11.59 -6.97 12.44
CA PHE B 24 12.33 -6.33 11.36
C PHE B 24 13.70 -6.96 11.16
N SER B 25 14.47 -7.06 12.24
CA SER B 25 15.82 -7.61 12.15
C SER B 25 15.81 -9.01 11.55
N LEU B 26 14.84 -9.84 11.93
CA LEU B 26 14.83 -11.22 11.48
C LEU B 26 14.47 -11.34 9.99
N LEU B 27 13.50 -10.55 9.54
CA LEU B 27 13.04 -10.66 8.16
C LEU B 27 13.79 -9.75 7.19
N TYR B 28 14.33 -8.63 7.67
CA TYR B 28 14.82 -7.56 6.82
C TYR B 28 16.18 -7.02 7.24
N GLY B 29 16.77 -7.55 8.31
CA GLY B 29 18.03 -7.02 8.81
C GLY B 29 19.20 -7.45 7.97
N ASP B 30 20.37 -6.87 8.28
CA ASP B 30 21.57 -7.09 7.47
C ASP B 30 22.13 -8.50 7.64
N ASP B 31 21.78 -9.21 8.72
CA ASP B 31 22.03 -10.64 8.83
C ASP B 31 20.91 -11.34 8.06
N THR B 32 21.16 -11.67 6.79
CA THR B 32 20.13 -12.22 5.94
C THR B 32 19.99 -13.73 6.07
N SER B 33 20.70 -14.35 7.03
CA SER B 33 20.63 -15.79 7.13
C SER B 33 19.25 -16.27 7.57
N TYR B 34 18.55 -15.50 8.42
CA TYR B 34 17.23 -15.93 8.86
C TYR B 34 16.24 -15.99 7.70
N ILE B 35 16.20 -14.93 6.89
CA ILE B 35 15.23 -14.90 5.79
C ILE B 35 15.61 -15.92 4.72
N LYS B 36 16.91 -16.19 4.55
CA LYS B 36 17.32 -17.22 3.62
C LYS B 36 16.75 -18.57 4.03
N LYS B 37 16.84 -18.89 5.33
CA LYS B 37 16.30 -20.16 5.81
C LYS B 37 14.78 -20.20 5.68
N ILE B 38 14.12 -19.07 5.96
CA ILE B 38 12.67 -19.02 5.83
C ILE B 38 12.26 -19.32 4.40
N ILE B 39 12.93 -18.70 3.44
CA ILE B 39 12.62 -18.91 2.03
C ILE B 39 12.90 -20.36 1.64
N GLU B 40 14.06 -20.88 2.04
CA GLU B 40 14.39 -22.27 1.72
C GLU B 40 13.38 -23.24 2.33
N ASN B 41 12.73 -22.86 3.42
CA ASN B 41 11.77 -23.76 4.05
C ASN B 41 10.45 -23.82 3.30
N GLN B 42 10.24 -22.98 2.28
CA GLN B 42 8.96 -22.91 1.57
C GLN B 42 9.01 -23.62 0.22
N ASN B 43 9.71 -24.74 0.13
CA ASN B 43 9.85 -25.50 -1.11
C ASN B 43 10.53 -24.68 -2.20
N ASN B 44 11.54 -23.90 -1.80
CA ASN B 44 12.34 -23.13 -2.75
C ASN B 44 13.79 -23.58 -2.68
N PHE B 45 14.47 -23.48 -3.82
CA PHE B 45 15.88 -23.82 -3.91
C PHE B 45 16.57 -22.82 -4.83
N ASN B 46 17.87 -23.01 -5.02
CA ASN B 46 18.72 -22.06 -5.75
C ASN B 46 18.57 -20.64 -5.19
N VAL B 47 18.36 -20.54 -3.89
CA VAL B 47 18.19 -19.23 -3.27
C VAL B 47 19.53 -18.50 -3.28
N CYS B 48 19.57 -17.34 -3.91
CA CYS B 48 20.76 -16.49 -3.90
C CYS B 48 21.13 -16.14 -2.45
N ASP B 49 22.39 -15.79 -2.25
CA ASP B 49 22.75 -15.19 -0.97
C ASP B 49 22.04 -13.85 -0.86
N ILE B 50 21.20 -13.69 0.15
CA ILE B 50 20.25 -12.57 0.17
C ILE B 50 21.01 -11.27 0.37
N PRO B 51 20.86 -10.28 -0.52
CA PRO B 51 21.46 -8.97 -0.28
C PRO B 51 20.83 -8.28 0.92
N LYS B 52 21.58 -7.34 1.49
CA LYS B 52 20.95 -6.46 2.46
C LYS B 52 20.22 -5.34 1.72
N PHE B 53 19.30 -4.69 2.42
CA PHE B 53 18.62 -3.56 1.83
C PHE B 53 19.61 -2.44 1.57
N VAL B 54 19.56 -1.88 0.37
CA VAL B 54 20.30 -0.67 0.05
C VAL B 54 19.31 0.29 -0.59
N ASN B 55 19.26 1.53 -0.10
CA ASN B 55 18.30 2.51 -0.58
C ASN B 55 16.88 1.94 -0.51
N ASN B 56 16.60 1.26 0.61
CA ASN B 56 15.25 0.74 0.92
C ASN B 56 14.78 -0.31 -0.08
N ALA B 57 15.68 -0.93 -0.84
CA ALA B 57 15.25 -1.95 -1.77
C ALA B 57 16.28 -3.07 -1.82
N ARG B 58 15.79 -4.27 -2.13
CA ARG B 58 16.70 -5.37 -2.44
C ARG B 58 15.98 -6.31 -3.40
N GLU B 59 16.77 -7.13 -4.09
CA GLU B 59 16.26 -8.10 -5.04
C GLU B 59 16.65 -9.50 -4.57
N ILE B 60 15.72 -10.44 -4.71
CA ILE B 60 15.92 -11.81 -4.27
C ILE B 60 15.49 -12.72 -5.40
N THR B 61 16.35 -13.67 -5.77
CA THR B 61 16.07 -14.63 -6.82
C THR B 61 16.15 -16.03 -6.24
N TYR B 62 15.19 -16.86 -6.61
CA TYR B 62 15.19 -18.27 -6.24
C TYR B 62 14.32 -19.00 -7.25
N THR B 63 14.38 -20.32 -7.23
CA THR B 63 13.50 -21.12 -8.05
C THR B 63 12.58 -21.94 -7.15
N LYS B 64 11.36 -22.15 -7.62
CA LYS B 64 10.27 -22.71 -6.84
C LYS B 64 9.88 -24.08 -7.37
N LYS B 65 9.51 -24.97 -6.45
CA LYS B 65 9.07 -26.32 -6.79
C LYS B 65 7.64 -26.30 -7.36
N LEU B 66 7.33 -27.31 -8.16
CA LEU B 66 5.99 -27.48 -8.71
C LEU B 66 5.62 -28.96 -8.81
N LYS B 73 7.67 -28.55 -12.66
CA LYS B 73 8.97 -28.92 -12.09
C LYS B 73 9.53 -27.79 -11.23
N GLN B 74 10.09 -26.78 -11.89
CA GLN B 74 10.69 -25.65 -11.18
C GLN B 74 10.53 -24.40 -12.02
N THR B 75 10.34 -23.26 -11.37
CA THR B 75 10.27 -22.00 -12.09
C THR B 75 10.96 -20.89 -11.30
N LYS B 76 11.53 -19.95 -12.03
CA LYS B 76 12.35 -18.90 -11.46
C LYS B 76 11.49 -17.75 -10.96
N CYS B 77 11.80 -17.26 -9.76
CA CYS B 77 11.12 -16.12 -9.17
C CYS B 77 12.11 -15.00 -8.96
N ILE B 78 11.73 -13.79 -9.35
CA ILE B 78 12.49 -12.59 -9.07
C ILE B 78 11.64 -11.71 -8.18
N VAL B 79 12.10 -11.49 -6.94
CA VAL B 79 11.35 -10.77 -5.91
C VAL B 79 12.03 -9.45 -5.62
N THR B 80 11.27 -8.36 -5.71
CA THR B 80 11.76 -7.06 -5.27
C THR B 80 11.03 -6.71 -3.96
N GLU B 81 11.79 -6.48 -2.90
CA GLU B 81 11.26 -6.00 -1.63
C GLU B 81 11.65 -4.54 -1.48
N THR B 82 10.68 -3.72 -1.10
CA THR B 82 10.94 -2.30 -0.86
C THR B 82 10.37 -1.93 0.49
N ILE B 83 11.18 -1.25 1.31
CA ILE B 83 10.71 -0.70 2.56
C ILE B 83 9.98 0.60 2.25
N GLU B 84 8.68 0.65 2.55
CA GLU B 84 7.87 1.81 2.20
C GLU B 84 7.68 2.77 3.37
N HIS B 85 7.88 2.29 4.59
CA HIS B 85 7.97 3.15 5.75
C HIS B 85 8.65 2.34 6.83
N MET B 86 9.44 3.00 7.67
CA MET B 86 10.07 2.26 8.75
C MET B 86 10.16 3.15 9.98
N ASP B 87 9.37 2.81 10.98
CA ASP B 87 9.40 3.45 12.29
C ASP B 87 9.26 2.29 13.27
N LEU B 88 10.40 1.81 13.79
CA LEU B 88 10.38 0.66 14.69
C LEU B 88 9.69 0.96 16.02
N ASN B 89 9.23 2.18 16.24
CA ASN B 89 8.41 2.49 17.40
C ASN B 89 6.92 2.52 17.09
N SER B 90 6.52 2.24 15.84
CA SER B 90 5.10 2.37 15.54
C SER B 90 4.68 1.48 14.37
N PHE B 91 5.41 1.50 13.27
CA PHE B 91 4.88 0.89 12.07
C PHE B 91 5.97 0.77 11.02
N PHE B 92 6.05 -0.39 10.38
CA PHE B 92 6.86 -0.47 9.18
C PHE B 92 6.16 -1.37 8.17
N MET B 93 6.50 -1.18 6.91
CA MET B 93 5.73 -1.79 5.84
C MET B 93 6.69 -2.09 4.71
N VAL B 94 6.58 -3.31 4.18
CA VAL B 94 7.41 -3.78 3.09
C VAL B 94 6.51 -4.21 1.96
N LYS B 95 6.81 -3.78 0.75
CA LYS B 95 6.12 -4.24 -0.44
C LYS B 95 7.01 -5.28 -1.12
N GLN B 96 6.40 -6.40 -1.49
CA GLN B 96 7.05 -7.50 -2.17
C GLN B 96 6.39 -7.63 -3.54
N ILE B 97 7.20 -7.61 -4.60
CA ILE B 97 6.72 -7.84 -5.97
C ILE B 97 7.40 -9.09 -6.47
N VAL B 98 6.61 -10.11 -6.80
CA VAL B 98 7.10 -11.40 -7.25
C VAL B 98 6.81 -11.51 -8.74
N ARG B 99 7.85 -11.61 -9.53
CA ARG B 99 7.70 -11.84 -10.96
C ARG B 99 8.17 -13.25 -11.29
N SER B 100 7.48 -13.89 -12.25
CA SER B 100 7.78 -15.25 -12.69
C SER B 100 7.77 -15.21 -14.20
N PRO B 101 8.87 -14.74 -14.82
CA PRO B 101 8.83 -14.50 -16.27
C PRO B 101 8.84 -15.75 -17.12
N ASP B 102 9.01 -16.93 -16.53
CA ASP B 102 9.06 -18.18 -17.28
C ASP B 102 7.75 -18.96 -17.25
N VAL B 103 6.70 -18.41 -16.64
CA VAL B 103 5.42 -19.10 -16.64
C VAL B 103 4.57 -18.49 -17.74
N PRO B 104 3.51 -19.15 -18.19
CA PRO B 104 2.60 -18.51 -19.15
C PRO B 104 2.07 -17.20 -18.60
N TYR B 105 2.12 -16.16 -19.43
CA TYR B 105 1.67 -14.81 -19.14
C TYR B 105 2.54 -14.14 -18.09
N GLY B 106 3.67 -14.77 -17.75
CA GLY B 106 4.55 -14.22 -16.74
C GLY B 106 5.13 -12.85 -17.09
N SER B 107 5.17 -12.51 -18.37
CA SER B 107 5.58 -11.15 -18.73
C SER B 107 4.43 -10.16 -18.62
N SER B 108 3.22 -10.61 -18.25
CA SER B 108 2.04 -9.75 -18.22
C SER B 108 1.48 -9.51 -16.84
N PHE B 109 1.92 -10.25 -15.83
CA PHE B 109 1.44 -10.04 -14.47
C PHE B 109 2.59 -10.19 -13.48
N SER B 110 2.37 -9.63 -12.29
CA SER B 110 3.24 -9.79 -11.14
C SER B 110 2.34 -9.78 -9.92
N VAL B 111 2.86 -10.29 -8.81
CA VAL B 111 2.09 -10.43 -7.59
C VAL B 111 2.67 -9.44 -6.58
N HIS B 112 1.85 -8.49 -6.14
CA HIS B 112 2.25 -7.45 -5.21
C HIS B 112 1.62 -7.75 -3.86
N THR B 113 2.45 -7.92 -2.84
CA THR B 113 1.97 -8.22 -1.50
C THR B 113 2.56 -7.21 -0.54
N ARG B 114 1.72 -6.61 0.29
CA ARG B 114 2.16 -5.64 1.26
C ARG B 114 2.08 -6.28 2.64
N PHE B 115 3.15 -6.13 3.41
CA PHE B 115 3.27 -6.67 4.76
C PHE B 115 3.26 -5.46 5.66
N PHE B 116 2.22 -5.37 6.49
CA PHE B 116 1.98 -4.24 7.36
C PHE B 116 2.37 -4.71 8.76
N TYR B 117 3.34 -4.05 9.37
CA TYR B 117 3.80 -4.43 10.70
C TYR B 117 3.55 -3.27 11.64
N SER B 118 2.78 -3.49 12.71
CA SER B 118 2.41 -2.39 13.58
C SER B 118 2.64 -2.78 15.02
N TRP B 119 2.86 -1.76 15.86
CA TRP B 119 3.13 -2.01 17.27
C TRP B 119 1.95 -2.74 17.90
N GLY B 120 2.22 -3.92 18.45
CA GLY B 120 1.21 -4.69 19.15
C GLY B 120 1.27 -4.47 20.64
N ASP B 121 0.15 -4.76 21.31
CA ASP B 121 0.06 -4.55 22.76
C ASP B 121 1.23 -5.18 23.49
N HIS B 122 1.74 -4.45 24.49
CA HIS B 122 2.85 -4.89 25.34
C HIS B 122 4.11 -5.12 24.53
N ASN B 123 4.38 -4.23 23.58
CA ASN B 123 5.62 -4.23 22.81
C ASN B 123 5.78 -5.52 21.98
N THR B 124 4.71 -5.86 21.26
CA THR B 124 4.71 -6.99 20.36
C THR B 124 4.48 -6.47 18.94
N THR B 125 4.37 -7.41 18.00
CA THR B 125 4.23 -7.06 16.58
C THR B 125 2.93 -7.61 16.03
N ASN B 126 2.10 -6.72 15.47
CA ASN B 126 0.91 -7.13 14.74
C ASN B 126 1.19 -7.10 13.25
N MET B 127 0.60 -8.04 12.53
CA MET B 127 1.00 -8.27 11.14
C MET B 127 -0.23 -8.47 10.26
N LYS B 128 -0.26 -7.77 9.12
CA LYS B 128 -1.33 -7.95 8.14
C LYS B 128 -0.67 -8.06 6.77
N VAL B 129 -1.29 -8.86 5.89
CA VAL B 129 -0.69 -9.23 4.60
C VAL B 129 -1.78 -9.15 3.54
N VAL B 130 -1.56 -8.33 2.51
CA VAL B 130 -2.57 -8.05 1.49
C VAL B 130 -1.93 -8.17 0.11
N THR B 131 -2.63 -8.81 -0.82
CA THR B 131 -2.05 -9.07 -2.13
C THR B 131 -2.94 -8.51 -3.23
N ASN B 132 -2.31 -7.97 -4.26
CA ASN B 132 -2.96 -7.64 -5.51
C ASN B 132 -2.15 -8.28 -6.63
N VAL B 133 -2.83 -8.90 -7.58
CA VAL B 133 -2.17 -9.35 -8.80
C VAL B 133 -2.29 -8.21 -9.80
N VAL B 134 -1.15 -7.72 -10.26
CA VAL B 134 -1.10 -6.55 -11.14
C VAL B 134 -0.86 -7.03 -12.56
N TRP B 135 -1.77 -6.69 -13.47
CA TRP B 135 -1.63 -7.03 -14.89
C TRP B 135 -1.10 -5.81 -15.64
N THR B 136 -0.09 -6.03 -16.50
CA THR B 136 0.46 -4.97 -17.32
C THR B 136 0.42 -5.40 -18.78
N GLY B 137 0.62 -4.46 -19.70
CA GLY B 137 0.59 -4.87 -21.09
C GLY B 137 0.05 -3.94 -22.17
N LYS B 138 0.51 -2.69 -22.20
CA LYS B 138 0.48 -1.84 -23.40
C LYS B 138 -0.91 -1.61 -23.98
N SER B 139 -1.97 -1.85 -23.21
CA SER B 139 -3.32 -1.59 -23.69
C SER B 139 -3.53 -0.08 -23.86
N MET B 140 -3.92 0.35 -25.07
CA MET B 140 -4.13 1.78 -25.29
C MET B 140 -5.34 2.29 -24.52
N LEU B 141 -6.39 1.47 -24.44
CA LEU B 141 -7.58 1.83 -23.69
C LEU B 141 -7.23 2.09 -22.23
N LYS B 142 -6.60 1.10 -21.58
CA LYS B 142 -6.24 1.25 -20.19
C LYS B 142 -5.14 2.29 -20.00
N GLY B 143 -4.27 2.46 -20.99
CA GLY B 143 -3.21 3.44 -20.88
C GLY B 143 -3.72 4.87 -20.86
N THR B 144 -4.79 5.15 -21.60
CA THR B 144 -5.39 6.48 -21.57
C THR B 144 -6.03 6.76 -20.21
N ILE B 145 -6.73 5.78 -19.65
CA ILE B 145 -7.32 5.92 -18.32
C ILE B 145 -6.21 6.04 -17.26
N GLU B 146 -5.16 5.23 -17.41
CA GLU B 146 -4.04 5.29 -16.47
C GLU B 146 -3.42 6.69 -16.43
N LYS B 147 -3.16 7.28 -17.60
CA LYS B 147 -2.52 8.59 -17.62
C LYS B 147 -3.43 9.67 -17.06
N GLY B 148 -4.71 9.66 -17.44
CA GLY B 148 -5.63 10.67 -16.94
C GLY B 148 -5.82 10.56 -15.43
N SER B 149 -5.80 9.34 -14.92
CA SER B 149 -5.93 9.13 -13.48
C SER B 149 -4.73 9.71 -12.74
N ILE B 150 -3.53 9.37 -13.19
CA ILE B 150 -2.33 9.82 -12.50
C ILE B 150 -2.15 11.33 -12.67
N ASP B 151 -2.44 11.85 -13.87
CA ASP B 151 -2.44 13.30 -14.04
C ASP B 151 -3.41 13.96 -13.07
N GLY B 152 -4.60 13.37 -12.90
CA GLY B 152 -5.60 14.00 -12.07
C GLY B 152 -5.22 14.00 -10.61
N GLN B 153 -4.71 12.87 -10.11
CA GLN B 153 -4.27 12.82 -8.71
C GLN B 153 -3.08 13.73 -8.49
N ARG B 154 -2.19 13.85 -9.49
CA ARG B 154 -1.08 14.79 -9.40
C ARG B 154 -1.59 16.22 -9.27
N SER B 155 -2.63 16.56 -10.03
CA SER B 155 -3.23 17.88 -9.94
C SER B 155 -3.94 18.06 -8.58
N SER B 156 -4.73 17.07 -8.18
CA SER B 156 -5.48 17.17 -6.94
C SER B 156 -4.57 17.24 -5.72
N THR B 157 -3.44 16.52 -5.77
CA THR B 157 -2.53 16.51 -4.64
C THR B 157 -1.84 17.86 -4.49
N LYS B 158 -1.43 18.47 -5.60
CA LYS B 158 -0.78 19.77 -5.53
C LYS B 158 -1.73 20.82 -4.97
N GLN B 159 -3.00 20.74 -5.34
CA GLN B 159 -4.02 21.63 -4.80
C GLN B 159 -4.26 21.35 -3.32
N LEU B 160 -4.32 20.07 -2.95
CA LEU B 160 -4.47 19.69 -1.54
C LEU B 160 -3.36 20.29 -0.70
N VAL B 161 -2.11 20.18 -1.16
CA VAL B 161 -0.98 20.68 -0.39
C VAL B 161 -1.01 22.20 -0.33
N ASP B 162 -1.28 22.86 -1.47
CA ASP B 162 -1.37 24.32 -1.47
C ASP B 162 -2.44 24.81 -0.51
N ASP B 163 -3.63 24.19 -0.55
CA ASP B 163 -4.72 24.58 0.34
C ASP B 163 -4.36 24.33 1.80
N LEU B 164 -3.66 23.23 2.07
CA LEU B 164 -3.25 22.93 3.43
C LEU B 164 -2.28 23.98 3.96
N LYS B 165 -1.31 24.39 3.15
CA LYS B 165 -0.38 25.42 3.60
C LYS B 165 -1.05 26.77 3.73
N LYS B 166 -2.07 27.06 2.92
CA LYS B 166 -2.80 28.31 3.11
C LYS B 166 -3.64 28.28 4.39
N ILE B 167 -4.31 27.15 4.66
CA ILE B 167 -5.09 27.05 5.89
C ILE B 167 -4.21 27.29 7.11
N ILE B 168 -3.01 26.71 7.09
CA ILE B 168 -2.09 26.73 8.22
C ILE B 168 -1.47 28.11 8.41
N SER B 169 -1.12 28.76 7.30
CA SER B 169 -0.51 30.08 7.33
C SER B 169 -1.53 31.18 7.61
N ASN B 170 -2.80 30.82 7.66
CA ASN B 170 -3.87 31.71 8.08
C ASN B 170 -4.42 31.18 9.41
#